data_4IJJ
#
_entry.id   4IJJ
#
_cell.length_a   169.453
_cell.length_b   169.453
_cell.length_c   92.320
_cell.angle_alpha   90.00
_cell.angle_beta   90.00
_cell.angle_gamma   120.00
#
_symmetry.space_group_name_H-M   'P 6 2 2'
#
loop_
_entity.id
_entity.type
_entity.pdbx_description
1 polymer 'Putative C4-type zinc finger protein, DksA/TraR family'
2 non-polymer 'SULFATE ION'
3 water water
#
_entity_poly.entity_id   1
_entity_poly.type   'polypeptide(L)'
_entity_poly.pdbx_seq_one_letter_code
;GHMAEQELLAQPDAAYMDEAQQDFFRDLLLRQRQELQARIEGEFGELRDLERPSDEADLASREEQRQWQLRLLEREKKLL
DKIDEALERLARGDYGWCQETGEPIGLRRLLLRPTATLCIEAKERQEKRERHVRHN
;
_entity_poly.pdbx_strand_id   A,B,C
#
# COMPACT_ATOMS: atom_id res chain seq x y z
N ALA A 4 10.88 -5.99 -18.99
CA ALA A 4 9.83 -6.64 -18.15
C ALA A 4 8.93 -7.56 -18.97
N GLU A 5 8.43 -8.63 -18.33
CA GLU A 5 7.41 -9.50 -18.92
C GLU A 5 6.17 -8.68 -19.25
N GLN A 6 5.90 -7.66 -18.43
CA GLN A 6 4.85 -6.68 -18.73
C GLN A 6 5.02 -6.11 -20.12
N GLU A 7 6.26 -5.69 -20.45
CA GLU A 7 6.58 -5.22 -21.79
C GLU A 7 6.23 -6.29 -22.81
N LEU A 8 6.79 -7.48 -22.59
CA LEU A 8 6.58 -8.64 -23.45
C LEU A 8 5.08 -8.84 -23.70
N LEU A 9 4.32 -8.88 -22.63
CA LEU A 9 2.89 -9.16 -22.65
C LEU A 9 2.11 -8.09 -23.39
N ALA A 10 2.47 -6.84 -23.19
CA ALA A 10 1.72 -5.74 -23.80
C ALA A 10 2.03 -5.60 -25.30
N GLN A 11 2.67 -6.63 -25.86
CA GLN A 11 2.99 -6.66 -27.29
C GLN A 11 2.21 -7.73 -28.13
N PRO A 12 1.91 -8.93 -27.57
CA PRO A 12 0.84 -9.73 -28.16
C PRO A 12 -0.43 -8.94 -28.54
N ASP A 13 -1.33 -9.60 -29.30
CA ASP A 13 -2.26 -8.92 -30.20
C ASP A 13 -3.73 -9.37 -30.06
N ALA A 14 -4.29 -9.95 -31.12
CA ALA A 14 -5.54 -10.69 -31.03
C ALA A 14 -5.27 -12.10 -30.49
N ALA A 15 -4.38 -12.18 -29.51
CA ALA A 15 -4.07 -13.42 -28.77
C ALA A 15 -4.50 -13.18 -27.33
N TYR A 16 -5.27 -12.11 -27.15
CA TYR A 16 -5.85 -11.75 -25.89
C TYR A 16 -6.40 -12.95 -25.14
N MET A 17 -5.79 -13.23 -23.98
CA MET A 17 -6.27 -14.27 -23.05
C MET A 17 -6.02 -15.70 -23.48
N ASP A 18 -5.05 -15.91 -24.36
CA ASP A 18 -4.62 -17.26 -24.68
C ASP A 18 -3.92 -17.91 -23.48
N GLU A 19 -3.65 -19.21 -23.57
CA GLU A 19 -3.05 -19.97 -22.47
C GLU A 19 -1.90 -19.21 -21.82
N ALA A 20 -1.08 -18.56 -22.66
CA ALA A 20 0.05 -17.78 -22.16
C ALA A 20 -0.43 -16.59 -21.36
N GLN A 21 -1.30 -15.77 -21.96
CA GLN A 21 -1.77 -14.56 -21.30
C GLN A 21 -2.42 -14.88 -19.95
N GLN A 22 -3.28 -15.90 -19.95
CA GLN A 22 -3.91 -16.38 -18.72
C GLN A 22 -2.87 -16.80 -17.69
N ASP A 23 -1.94 -17.67 -18.09
CA ASP A 23 -0.87 -18.13 -17.20
C ASP A 23 -0.19 -16.94 -16.53
N PHE A 24 -0.06 -15.84 -17.28
CA PHE A 24 0.53 -14.62 -16.76
C PHE A 24 -0.22 -14.07 -15.55
N PHE A 25 -1.52 -13.89 -15.70
CA PHE A 25 -2.34 -13.28 -14.64
C PHE A 25 -2.59 -14.20 -13.46
N ARG A 26 -2.64 -15.50 -13.74
CA ARG A 26 -2.74 -16.47 -12.66
C ARG A 26 -1.56 -16.25 -11.73
N ASP A 27 -0.36 -16.09 -12.30
CA ASP A 27 0.85 -15.76 -11.52
C ASP A 27 0.64 -14.50 -10.72
N LEU A 28 0.29 -13.42 -11.42
CA LEU A 28 0.10 -12.12 -10.82
C LEU A 28 -0.85 -12.25 -9.65
N LEU A 29 -2.04 -12.76 -9.92
CA LEU A 29 -3.07 -12.83 -8.90
C LEU A 29 -2.59 -13.59 -7.68
N LEU A 30 -2.05 -14.78 -7.88
CA LEU A 30 -1.59 -15.59 -6.77
C LEU A 30 -0.53 -14.87 -5.92
N ARG A 31 0.38 -14.16 -6.58
CA ARG A 31 1.37 -13.38 -5.86
C ARG A 31 0.68 -12.35 -4.98
N GLN A 32 -0.28 -11.63 -5.56
CA GLN A 32 -1.03 -10.64 -4.80
C GLN A 32 -1.82 -11.31 -3.68
N ARG A 33 -2.32 -12.51 -3.95
CA ARG A 33 -3.12 -13.27 -2.98
C ARG A 33 -2.27 -13.61 -1.77
N GLN A 34 -1.09 -14.16 -2.01
CA GLN A 34 -0.18 -14.49 -0.92
C GLN A 34 0.26 -13.24 -0.19
N GLU A 35 0.48 -12.16 -0.94
CA GLU A 35 0.87 -10.90 -0.34
C GLU A 35 -0.22 -10.35 0.55
N LEU A 36 -1.46 -10.37 0.05
CA LEU A 36 -2.61 -9.87 0.79
C LEU A 36 -2.84 -10.75 2.02
N GLN A 37 -2.78 -12.07 1.79
CA GLN A 37 -2.98 -13.08 2.83
C GLN A 37 -2.04 -12.84 4.00
N ALA A 38 -0.76 -12.64 3.69
CA ALA A 38 0.27 -12.41 4.70
C ALA A 38 0.15 -11.04 5.37
N ARG A 39 -0.38 -10.07 4.63
CA ARG A 39 -0.60 -8.74 5.17
C ARG A 39 -1.79 -8.73 6.13
N ILE A 40 -2.82 -9.51 5.81
CA ILE A 40 -3.94 -9.73 6.72
C ILE A 40 -3.39 -10.30 8.01
N GLU A 41 -2.66 -11.41 7.91
CA GLU A 41 -2.05 -12.05 9.07
C GLU A 41 -1.33 -11.03 9.95
N GLY A 42 -0.73 -10.03 9.30
CA GLY A 42 -0.12 -8.90 9.98
C GLY A 42 -1.16 -8.13 10.79
N GLU A 43 -2.14 -7.55 10.10
CA GLU A 43 -3.17 -6.73 10.75
C GLU A 43 -3.93 -7.49 11.83
N PHE A 44 -3.85 -8.82 11.81
CA PHE A 44 -4.45 -9.66 12.85
C PHE A 44 -3.66 -9.61 14.16
N GLY A 45 -2.36 -9.90 14.08
CA GLY A 45 -1.48 -9.80 15.24
C GLY A 45 -1.35 -8.36 15.70
N GLU A 46 -1.47 -7.46 14.72
CA GLU A 46 -1.52 -6.02 14.94
C GLU A 46 -2.76 -5.68 15.76
N LEU A 47 -3.74 -6.58 15.75
CA LEU A 47 -4.93 -6.47 16.58
C LEU A 47 -4.73 -7.15 17.94
N ARG A 48 -4.07 -8.31 17.94
CA ARG A 48 -3.76 -9.04 19.16
C ARG A 48 -2.79 -8.26 20.05
N ASP A 49 -2.44 -7.06 19.59
CA ASP A 49 -1.62 -6.14 20.36
C ASP A 49 -2.46 -5.06 21.04
N LEU A 50 -3.71 -4.91 20.61
CA LEU A 50 -4.65 -4.03 21.32
C LEU A 50 -5.50 -4.84 22.29
N GLU A 51 -5.52 -6.16 22.10
CA GLU A 51 -6.14 -7.09 23.05
C GLU A 51 -5.24 -7.32 24.27
N ARG A 52 -3.96 -6.98 24.14
CA ARG A 52 -3.00 -7.03 25.24
C ARG A 52 -3.53 -6.26 26.45
N PRO A 53 -3.28 -6.78 27.68
CA PRO A 53 -3.82 -6.24 28.93
C PRO A 53 -4.03 -4.72 28.92
N SER A 54 -5.30 -4.31 29.03
CA SER A 54 -5.67 -2.90 28.96
C SER A 54 -5.47 -2.16 30.28
N ASP A 55 -5.20 -0.85 30.17
CA ASP A 55 -5.15 0.04 31.34
C ASP A 55 -6.29 1.06 31.27
N GLU A 56 -6.61 1.66 32.43
CA GLU A 56 -7.78 2.52 32.58
C GLU A 56 -7.72 3.83 31.79
N ALA A 57 -6.56 4.49 31.81
CA ALA A 57 -6.38 5.78 31.13
C ALA A 57 -6.34 5.67 29.59
N ASP A 58 -5.46 4.81 29.08
CA ASP A 58 -5.26 4.65 27.65
C ASP A 58 -6.41 3.90 26.97
N LEU A 59 -7.40 3.48 27.77
CA LEU A 59 -8.57 2.75 27.27
C LEU A 59 -9.35 3.50 26.20
N ALA A 60 -9.50 4.81 26.38
CA ALA A 60 -10.28 5.67 25.47
C ALA A 60 -9.83 5.56 24.02
N SER A 61 -8.63 6.05 23.71
CA SER A 61 -8.13 6.05 22.33
C SER A 61 -7.87 4.64 21.79
N ARG A 62 -7.34 3.77 22.64
CA ARG A 62 -7.01 2.40 22.24
C ARG A 62 -8.22 1.65 21.73
N GLU A 63 -9.39 1.90 22.31
CA GLU A 63 -10.61 1.25 21.83
C GLU A 63 -10.97 1.77 20.44
N GLU A 64 -10.96 3.09 20.26
CA GLU A 64 -11.32 3.66 18.96
C GLU A 64 -10.24 3.45 17.89
N GLN A 65 -9.05 3.07 18.33
CA GLN A 65 -7.99 2.62 17.44
C GLN A 65 -8.26 1.19 16.97
N ARG A 66 -8.70 0.34 17.90
CA ARG A 66 -9.14 -1.02 17.58
C ARG A 66 -10.32 -0.96 16.61
N GLN A 67 -11.13 0.08 16.77
CA GLN A 67 -12.26 0.32 15.87
C GLN A 67 -11.80 0.55 14.44
N TRP A 68 -10.74 1.35 14.28
CA TRP A 68 -10.18 1.62 12.96
C TRP A 68 -9.60 0.34 12.33
N GLN A 69 -8.84 -0.40 13.12
CA GLN A 69 -8.22 -1.66 12.69
C GLN A 69 -9.25 -2.61 12.12
N LEU A 70 -10.34 -2.79 12.85
CA LEU A 70 -11.37 -3.75 12.46
C LEU A 70 -11.99 -3.46 11.08
N ARG A 71 -12.03 -2.18 10.70
CA ARG A 71 -12.56 -1.80 9.40
C ARG A 71 -11.55 -2.10 8.29
N LEU A 72 -10.28 -1.81 8.55
CA LEU A 72 -9.20 -2.16 7.64
C LEU A 72 -9.17 -3.67 7.49
N LEU A 73 -9.05 -4.37 8.62
CA LEU A 73 -9.06 -5.83 8.62
C LEU A 73 -10.27 -6.35 7.87
N GLU A 74 -11.39 -5.64 7.97
CA GLU A 74 -12.57 -6.01 7.20
C GLU A 74 -12.42 -5.75 5.72
N ARG A 75 -12.00 -4.54 5.33
CA ARG A 75 -11.78 -4.25 3.90
C ARG A 75 -10.82 -5.29 3.33
N GLU A 76 -9.70 -5.46 4.01
CA GLU A 76 -8.67 -6.41 3.63
C GLU A 76 -9.25 -7.81 3.39
N LYS A 77 -10.01 -8.32 4.36
CA LYS A 77 -10.55 -9.67 4.30
C LYS A 77 -11.46 -9.88 3.08
N LYS A 78 -12.12 -8.80 2.66
CA LYS A 78 -13.00 -8.86 1.50
C LYS A 78 -12.18 -8.85 0.21
N LEU A 79 -11.22 -7.94 0.14
CA LEU A 79 -10.29 -7.88 -0.99
C LEU A 79 -9.78 -9.27 -1.34
N LEU A 80 -9.49 -10.07 -0.33
CA LEU A 80 -9.01 -11.44 -0.52
C LEU A 80 -9.99 -12.23 -1.36
N ASP A 81 -11.27 -12.13 -1.03
CA ASP A 81 -12.29 -12.85 -1.77
C ASP A 81 -12.35 -12.35 -3.21
N LYS A 82 -12.33 -11.04 -3.39
CA LYS A 82 -12.27 -10.43 -4.73
C LYS A 82 -11.22 -11.14 -5.60
N ILE A 83 -10.02 -11.32 -5.05
CA ILE A 83 -8.95 -12.03 -5.73
C ILE A 83 -9.31 -13.49 -5.96
N ASP A 84 -9.73 -14.16 -4.89
CA ASP A 84 -10.09 -15.58 -4.98
C ASP A 84 -11.16 -15.82 -6.06
N GLU A 85 -12.06 -14.85 -6.21
CA GLU A 85 -13.11 -14.90 -7.22
C GLU A 85 -12.52 -14.81 -8.63
N ALA A 86 -11.60 -13.88 -8.82
CA ALA A 86 -10.91 -13.72 -10.09
C ALA A 86 -10.06 -14.95 -10.39
N LEU A 87 -9.42 -15.49 -9.37
CA LEU A 87 -8.62 -16.70 -9.52
C LEU A 87 -9.48 -17.87 -10.01
N GLU A 88 -10.74 -17.87 -9.62
CA GLU A 88 -11.67 -18.89 -10.08
C GLU A 88 -12.16 -18.56 -11.49
N ARG A 89 -12.44 -17.29 -11.74
CA ARG A 89 -12.84 -16.85 -13.07
C ARG A 89 -11.86 -17.43 -14.09
N LEU A 90 -10.56 -17.33 -13.76
CA LEU A 90 -9.49 -17.91 -14.57
C LEU A 90 -9.65 -19.40 -14.84
N ALA A 91 -10.01 -20.13 -13.79
CA ALA A 91 -10.19 -21.58 -13.89
C ALA A 91 -11.32 -21.94 -14.85
N ARG A 92 -12.47 -21.28 -14.69
CA ARG A 92 -13.64 -21.50 -15.57
C ARG A 92 -13.40 -21.02 -17.00
N GLY A 93 -12.43 -20.12 -17.17
CA GLY A 93 -12.06 -19.61 -18.49
C GLY A 93 -12.89 -18.41 -18.85
N ASP A 94 -13.49 -17.80 -17.84
CA ASP A 94 -14.29 -16.61 -18.01
C ASP A 94 -13.54 -15.34 -17.65
N TYR A 95 -12.24 -15.45 -17.45
CA TYR A 95 -11.44 -14.30 -17.01
C TYR A 95 -11.20 -13.34 -18.17
N GLY A 96 -10.96 -12.07 -17.84
CA GLY A 96 -10.52 -11.08 -18.81
C GLY A 96 -11.62 -10.49 -19.68
N TRP A 97 -12.83 -11.01 -19.52
CA TRP A 97 -13.94 -10.51 -20.31
C TRP A 97 -14.96 -9.74 -19.46
N CYS A 98 -15.37 -8.60 -20.03
CA CYS A 98 -16.32 -7.67 -19.44
C CYS A 98 -17.61 -8.41 -19.12
N GLN A 99 -18.15 -8.20 -17.92
CA GLN A 99 -19.32 -8.96 -17.49
C GLN A 99 -20.61 -8.50 -18.15
N GLU A 100 -20.79 -7.19 -18.27
CA GLU A 100 -21.97 -6.64 -18.94
C GLU A 100 -21.96 -7.01 -20.42
N THR A 101 -21.11 -6.36 -21.20
CA THR A 101 -20.86 -6.78 -22.58
C THR A 101 -19.73 -7.76 -22.53
N GLY A 102 -19.87 -8.91 -23.17
CA GLY A 102 -18.79 -9.91 -23.24
C GLY A 102 -17.44 -9.39 -23.73
N GLU A 103 -17.42 -8.13 -24.15
CA GLU A 103 -16.24 -7.42 -24.67
C GLU A 103 -14.97 -7.60 -23.83
N PRO A 104 -13.78 -7.48 -24.47
CA PRO A 104 -12.54 -7.68 -23.74
C PRO A 104 -12.28 -6.55 -22.77
N ILE A 105 -11.86 -6.88 -21.56
CA ILE A 105 -11.38 -5.88 -20.60
C ILE A 105 -9.95 -5.55 -21.00
N GLY A 106 -9.64 -4.27 -21.10
CA GLY A 106 -8.26 -3.87 -21.47
C GLY A 106 -7.12 -4.67 -20.84
N LEU A 107 -6.16 -5.11 -21.66
CA LEU A 107 -4.97 -5.75 -21.12
C LEU A 107 -4.22 -4.81 -20.16
N ARG A 108 -3.99 -3.57 -20.60
CA ARG A 108 -3.41 -2.53 -19.72
C ARG A 108 -4.26 -2.42 -18.47
N ARG A 109 -5.56 -2.23 -18.67
CA ARG A 109 -6.52 -2.14 -17.57
C ARG A 109 -6.30 -3.28 -16.57
N LEU A 110 -6.43 -4.52 -17.03
CA LEU A 110 -6.26 -5.67 -16.15
C LEU A 110 -4.92 -5.72 -15.45
N LEU A 111 -3.90 -5.10 -16.03
CA LEU A 111 -2.60 -5.09 -15.37
C LEU A 111 -2.65 -4.28 -14.10
N LEU A 112 -3.24 -3.10 -14.14
CA LEU A 112 -3.30 -2.23 -12.95
C LEU A 112 -4.31 -2.72 -11.94
N ARG A 113 -5.46 -3.20 -12.41
CA ARG A 113 -6.37 -3.93 -11.54
C ARG A 113 -6.68 -5.27 -12.16
N PRO A 114 -5.92 -6.30 -11.78
CA PRO A 114 -6.15 -7.67 -12.22
C PRO A 114 -7.52 -8.17 -11.77
N THR A 115 -8.13 -7.39 -10.86
CA THR A 115 -9.31 -7.80 -10.15
C THR A 115 -10.58 -7.26 -10.83
N ALA A 116 -10.40 -6.27 -11.70
CA ALA A 116 -11.49 -5.60 -12.40
C ALA A 116 -12.41 -6.57 -13.15
N THR A 117 -13.71 -6.26 -13.16
CA THR A 117 -14.73 -7.15 -13.73
C THR A 117 -15.46 -6.57 -14.94
N LEU A 118 -15.39 -5.25 -15.10
CA LEU A 118 -15.98 -4.59 -16.27
C LEU A 118 -14.93 -3.95 -17.15
N CYS A 119 -15.26 -3.90 -18.44
CA CYS A 119 -14.51 -3.14 -19.42
C CYS A 119 -14.82 -1.66 -19.24
N ILE A 120 -13.93 -0.81 -19.76
CA ILE A 120 -13.98 0.66 -19.60
C ILE A 120 -15.37 1.27 -19.82
N GLU A 121 -15.87 1.15 -21.05
CA GLU A 121 -17.15 1.76 -21.44
C GLU A 121 -18.32 1.30 -20.58
N ALA A 122 -18.29 0.05 -20.14
CA ALA A 122 -19.29 -0.47 -19.20
C ALA A 122 -19.23 0.30 -17.89
N LYS A 123 -18.01 0.57 -17.43
CA LYS A 123 -17.77 1.34 -16.22
C LYS A 123 -18.24 2.79 -16.41
N GLU A 124 -17.91 3.39 -17.55
CA GLU A 124 -18.43 4.71 -17.89
C GLU A 124 -19.96 4.76 -17.82
N ARG A 125 -20.60 3.75 -18.38
CA ARG A 125 -22.05 3.65 -18.39
C ARG A 125 -22.64 3.40 -17.01
N GLN A 126 -21.89 2.70 -16.15
CA GLN A 126 -22.37 2.38 -14.82
C GLN A 126 -22.19 3.57 -13.89
N GLU A 127 -21.12 4.32 -14.10
CA GLU A 127 -20.88 5.56 -13.37
C GLU A 127 -21.90 6.63 -13.77
N LYS A 128 -22.29 6.61 -15.05
CA LYS A 128 -23.27 7.53 -15.59
C LYS A 128 -24.68 7.29 -15.02
N ARG A 129 -25.00 6.02 -14.76
CA ARG A 129 -26.25 5.68 -14.07
C ARG A 129 -26.18 6.14 -12.62
N GLU A 130 -25.03 5.91 -12.00
CA GLU A 130 -24.80 6.32 -10.62
C GLU A 130 -25.09 7.82 -10.42
N ARG A 131 -24.71 8.63 -11.41
CA ARG A 131 -24.97 10.07 -11.43
C ARG A 131 -26.45 10.44 -11.22
N HIS A 132 -27.34 9.45 -11.30
CA HIS A 132 -28.78 9.69 -11.19
C HIS A 132 -29.49 8.67 -10.31
N MET B 3 13.19 7.13 -19.37
CA MET B 3 13.62 5.72 -19.64
C MET B 3 15.07 5.38 -19.16
N ALA B 4 15.70 6.32 -18.47
CA ALA B 4 16.92 6.03 -17.71
C ALA B 4 16.55 5.21 -16.48
N GLU B 5 17.37 4.22 -16.14
CA GLU B 5 17.14 3.37 -14.97
C GLU B 5 17.56 4.09 -13.70
N GLN B 6 16.90 3.80 -12.59
CA GLN B 6 17.28 4.32 -11.28
C GLN B 6 18.79 4.34 -11.05
N GLU B 7 19.46 3.24 -11.37
CA GLU B 7 20.88 3.15 -11.14
C GLU B 7 21.64 4.17 -12.01
N LEU B 8 21.21 4.34 -13.26
CA LEU B 8 21.80 5.33 -14.17
C LEU B 8 21.56 6.72 -13.59
N LEU B 9 20.38 6.88 -13.00
CA LEU B 9 19.89 8.18 -12.54
C LEU B 9 20.54 8.62 -11.25
N ALA B 10 20.78 7.69 -10.33
CA ALA B 10 21.43 8.08 -9.09
C ALA B 10 22.95 8.15 -9.33
N GLN B 11 23.35 8.37 -10.58
CA GLN B 11 24.76 8.34 -10.98
C GLN B 11 25.30 9.55 -11.77
N PRO B 12 24.43 10.43 -12.32
CA PRO B 12 24.97 11.74 -12.70
C PRO B 12 25.37 12.61 -11.48
N ASP B 13 25.18 13.93 -11.51
CA ASP B 13 26.02 14.83 -10.67
C ASP B 13 25.51 16.25 -10.34
N ALA B 14 25.73 17.18 -11.27
CA ALA B 14 25.15 18.52 -11.18
C ALA B 14 24.30 18.68 -12.43
N ALA B 15 23.90 17.53 -12.97
CA ALA B 15 22.92 17.44 -14.04
C ALA B 15 21.51 17.39 -13.43
N TYR B 16 21.44 17.75 -12.15
CA TYR B 16 20.22 17.63 -11.36
C TYR B 16 19.03 18.26 -12.06
N MET B 17 17.96 17.49 -12.15
CA MET B 17 16.72 17.94 -12.76
C MET B 17 16.89 18.49 -14.16
N ASP B 18 17.94 18.09 -14.87
CA ASP B 18 18.05 18.48 -16.28
C ASP B 18 16.89 17.83 -17.04
N GLU B 19 16.77 18.08 -18.33
CA GLU B 19 15.64 17.53 -19.07
C GLU B 19 15.61 16.02 -18.96
N ALA B 20 16.78 15.40 -19.03
CA ALA B 20 16.91 13.96 -18.85
C ALA B 20 16.22 13.51 -17.57
N GLN B 21 16.67 14.02 -16.44
CA GLN B 21 16.11 13.66 -15.14
C GLN B 21 14.64 14.02 -15.00
N GLN B 22 14.19 15.04 -15.73
CA GLN B 22 12.79 15.46 -15.64
C GLN B 22 11.93 14.43 -16.33
N ASP B 23 12.35 14.05 -17.54
CA ASP B 23 11.65 13.02 -18.31
C ASP B 23 11.54 11.73 -17.51
N PHE B 24 12.43 11.57 -16.52
CA PHE B 24 12.39 10.38 -15.67
C PHE B 24 11.21 10.45 -14.74
N PHE B 25 11.12 11.55 -14.00
CA PHE B 25 10.13 11.67 -12.94
C PHE B 25 8.71 11.84 -13.42
N ARG B 26 8.56 12.27 -14.67
CA ARG B 26 7.26 12.32 -15.30
C ARG B 26 6.86 10.88 -15.61
N ASP B 27 7.76 10.17 -16.30
CA ASP B 27 7.61 8.75 -16.58
C ASP B 27 7.34 7.95 -15.31
N LEU B 28 7.49 8.60 -14.16
CA LEU B 28 7.32 7.94 -12.89
C LEU B 28 6.00 8.30 -12.28
N LEU B 29 5.74 9.61 -12.16
CA LEU B 29 4.50 10.11 -11.57
C LEU B 29 3.30 9.69 -12.41
N LEU B 30 3.45 9.70 -13.72
CA LEU B 30 2.37 9.27 -14.60
C LEU B 30 1.96 7.84 -14.30
N ARG B 31 2.95 7.03 -13.89
CA ARG B 31 2.72 5.65 -13.52
C ARG B 31 2.03 5.60 -12.18
N GLN B 32 2.60 6.27 -11.19
CA GLN B 32 1.99 6.36 -9.88
C GLN B 32 0.56 6.83 -9.99
N ARG B 33 0.29 7.68 -10.97
CA ARG B 33 -1.03 8.23 -11.15
C ARG B 33 -1.98 7.15 -11.62
N GLN B 34 -1.59 6.48 -12.69
CA GLN B 34 -2.36 5.37 -13.23
C GLN B 34 -2.76 4.43 -12.12
N GLU B 35 -1.78 4.01 -11.33
CA GLU B 35 -1.97 2.99 -10.32
C GLU B 35 -2.92 3.46 -9.23
N LEU B 36 -2.88 4.75 -8.93
CA LEU B 36 -3.78 5.33 -7.95
C LEU B 36 -5.20 5.39 -8.53
N GLN B 37 -5.34 5.91 -9.74
CA GLN B 37 -6.63 5.96 -10.42
C GLN B 37 -7.31 4.61 -10.40
N ALA B 38 -6.57 3.57 -10.77
CA ALA B 38 -7.08 2.21 -10.82
C ALA B 38 -7.47 1.73 -9.44
N ARG B 39 -6.63 2.03 -8.46
CA ARG B 39 -6.87 1.70 -7.06
C ARG B 39 -8.11 2.41 -6.56
N ILE B 40 -8.32 3.64 -7.04
CA ILE B 40 -9.50 4.44 -6.69
C ILE B 40 -10.80 3.80 -7.19
N GLU B 41 -10.87 3.58 -8.50
CA GLU B 41 -11.99 2.88 -9.11
C GLU B 41 -12.28 1.65 -8.28
N GLY B 42 -11.22 0.95 -7.89
CA GLY B 42 -11.32 -0.18 -6.97
C GLY B 42 -12.04 0.18 -5.68
N GLU B 43 -11.54 1.19 -4.97
CA GLU B 43 -12.16 1.63 -3.72
C GLU B 43 -13.62 1.98 -3.90
N PHE B 44 -13.93 2.73 -4.96
CA PHE B 44 -15.32 3.08 -5.27
C PHE B 44 -16.16 1.83 -5.40
N GLY B 45 -15.65 0.87 -6.16
CA GLY B 45 -16.32 -0.42 -6.33
C GLY B 45 -16.63 -1.08 -4.99
N GLU B 46 -15.67 -1.02 -4.08
CA GLU B 46 -15.83 -1.57 -2.73
C GLU B 46 -16.96 -0.85 -2.03
N LEU B 47 -16.96 0.48 -2.16
CA LEU B 47 -17.94 1.34 -1.52
C LEU B 47 -19.31 1.21 -2.18
N ARG B 48 -19.35 1.36 -3.49
CA ARG B 48 -20.62 1.33 -4.24
C ARG B 48 -21.18 -0.08 -4.35
N ASP B 49 -20.79 -0.96 -3.43
CA ASP B 49 -21.49 -2.23 -3.22
C ASP B 49 -21.60 -2.56 -1.73
N LEU B 50 -20.93 -1.76 -0.90
CA LEU B 50 -21.19 -1.77 0.54
C LEU B 50 -22.60 -1.28 0.77
N GLU B 51 -23.00 -0.29 -0.03
CA GLU B 51 -24.34 0.28 0.06
C GLU B 51 -25.37 -0.46 -0.79
N ARG B 52 -24.92 -1.54 -1.45
CA ARG B 52 -25.83 -2.43 -2.15
C ARG B 52 -26.85 -2.99 -1.15
N PRO B 53 -28.15 -2.80 -1.40
CA PRO B 53 -29.26 -3.06 -0.46
C PRO B 53 -29.16 -4.35 0.37
N SER B 54 -29.44 -4.21 1.65
CA SER B 54 -29.48 -5.33 2.61
C SER B 54 -30.75 -5.23 3.46
N ASP B 55 -30.66 -5.61 4.73
CA ASP B 55 -31.81 -5.48 5.66
C ASP B 55 -31.44 -5.15 7.12
N GLU B 56 -32.46 -5.11 7.98
CA GLU B 56 -32.38 -4.52 9.31
C GLU B 56 -31.54 -5.26 10.35
N ALA B 57 -31.44 -6.58 10.22
CA ALA B 57 -30.64 -7.39 11.14
C ALA B 57 -29.12 -7.17 10.96
N ASP B 58 -28.70 -6.86 9.74
CA ASP B 58 -27.29 -6.63 9.43
C ASP B 58 -27.05 -5.25 8.82
N LEU B 59 -27.48 -4.21 9.54
CA LEU B 59 -27.28 -2.83 9.11
C LEU B 59 -26.33 -2.05 10.02
N ALA B 60 -26.02 -2.65 11.18
CA ALA B 60 -25.22 -2.01 12.23
C ALA B 60 -23.77 -1.76 11.83
N SER B 61 -23.09 -2.83 11.40
CA SER B 61 -21.68 -2.76 10.99
C SER B 61 -21.48 -2.02 9.68
N ARG B 62 -22.46 -2.18 8.78
CA ARG B 62 -22.31 -1.76 7.39
C ARG B 62 -22.22 -0.25 7.20
N GLU B 63 -22.84 0.52 8.09
CA GLU B 63 -22.72 1.98 8.05
C GLU B 63 -21.32 2.44 8.45
N GLU B 64 -20.78 1.82 9.50
CA GLU B 64 -19.43 2.10 9.98
C GLU B 64 -18.41 1.92 8.86
N GLN B 65 -18.47 0.77 8.20
CA GLN B 65 -17.57 0.42 7.10
C GLN B 65 -17.71 1.39 5.91
N ARG B 66 -18.96 1.75 5.59
CA ARG B 66 -19.25 2.72 4.52
C ARG B 66 -18.55 4.05 4.78
N GLN B 67 -18.59 4.50 6.03
CA GLN B 67 -17.94 5.76 6.41
C GLN B 67 -16.43 5.66 6.35
N TRP B 68 -15.92 4.51 6.76
CA TRP B 68 -14.48 4.26 6.78
C TRP B 68 -13.91 4.35 5.37
N GLN B 69 -14.62 3.76 4.41
CA GLN B 69 -14.23 3.83 3.01
C GLN B 69 -14.26 5.26 2.54
N LEU B 70 -15.33 5.97 2.89
CA LEU B 70 -15.50 7.37 2.50
C LEU B 70 -14.27 8.23 2.82
N ARG B 71 -13.58 7.91 3.92
CA ARG B 71 -12.34 8.61 4.27
C ARG B 71 -11.23 8.20 3.33
N LEU B 72 -11.03 6.89 3.22
CA LEU B 72 -10.00 6.33 2.33
C LEU B 72 -10.11 6.89 0.93
N LEU B 73 -11.35 7.06 0.47
CA LEU B 73 -11.63 7.65 -0.83
C LEU B 73 -11.37 9.15 -0.84
N GLU B 74 -11.73 9.82 0.25
CA GLU B 74 -11.44 11.24 0.39
C GLU B 74 -9.93 11.45 0.55
N ARG B 75 -9.26 10.47 1.13
CA ARG B 75 -7.80 10.49 1.28
C ARG B 75 -7.13 10.31 -0.08
N GLU B 76 -7.55 9.28 -0.81
CA GLU B 76 -6.94 8.91 -2.08
C GLU B 76 -7.05 10.02 -3.12
N LYS B 77 -8.25 10.60 -3.28
CA LYS B 77 -8.49 11.62 -4.30
C LYS B 77 -7.66 12.88 -4.05
N LYS B 78 -7.25 13.04 -2.79
CA LYS B 78 -6.38 14.13 -2.37
C LYS B 78 -4.92 13.79 -2.60
N LEU B 79 -4.57 12.52 -2.46
CA LEU B 79 -3.23 12.08 -2.78
C LEU B 79 -3.00 12.24 -4.29
N LEU B 80 -3.99 11.82 -5.08
CA LEU B 80 -4.01 12.05 -6.52
C LEU B 80 -3.84 13.53 -6.82
N ASP B 81 -4.54 14.38 -6.08
CA ASP B 81 -4.40 15.83 -6.20
C ASP B 81 -2.95 16.24 -6.13
N LYS B 82 -2.27 15.77 -5.08
CA LYS B 82 -0.86 16.05 -4.88
C LYS B 82 -0.02 15.65 -6.08
N ILE B 83 -0.31 14.48 -6.64
CA ILE B 83 0.40 13.98 -7.82
C ILE B 83 0.18 14.93 -9.00
N ASP B 84 -1.07 15.25 -9.28
CA ASP B 84 -1.40 16.20 -10.34
C ASP B 84 -0.65 17.50 -10.14
N GLU B 85 -0.51 17.92 -8.88
CA GLU B 85 0.28 19.09 -8.55
C GLU B 85 1.73 18.88 -8.98
N ALA B 86 2.33 17.76 -8.56
CA ALA B 86 3.71 17.46 -8.90
C ALA B 86 3.91 17.51 -10.41
N LEU B 87 2.90 17.05 -11.14
CA LEU B 87 3.01 17.02 -12.58
C LEU B 87 3.00 18.42 -13.16
N GLU B 88 2.08 19.27 -12.67
CA GLU B 88 2.02 20.67 -13.11
C GLU B 88 3.36 21.33 -12.87
N ARG B 89 3.89 21.09 -11.68
CA ARG B 89 5.16 21.61 -11.26
C ARG B 89 6.20 21.22 -12.29
N LEU B 90 6.08 19.99 -12.80
CA LEU B 90 7.03 19.46 -13.77
C LEU B 90 6.87 20.13 -15.14
N ALA B 91 5.67 20.66 -15.42
CA ALA B 91 5.44 21.40 -16.66
C ALA B 91 5.94 22.82 -16.53
N ARG B 92 5.51 23.50 -15.46
CA ARG B 92 5.98 24.83 -15.12
C ARG B 92 7.51 24.89 -15.03
N GLY B 93 8.14 23.73 -14.80
CA GLY B 93 9.58 23.64 -14.72
C GLY B 93 10.11 23.81 -13.30
N ASP B 94 9.21 23.67 -12.32
CA ASP B 94 9.53 23.89 -10.89
C ASP B 94 9.88 22.61 -10.16
N TYR B 95 9.58 21.47 -10.75
CA TYR B 95 9.72 20.21 -10.04
C TYR B 95 11.18 19.95 -9.67
N GLY B 96 11.39 19.54 -8.42
CA GLY B 96 12.72 19.15 -7.95
C GLY B 96 13.31 20.12 -6.94
N TRP B 97 12.82 21.36 -6.94
CA TRP B 97 13.34 22.37 -6.03
C TRP B 97 12.36 22.71 -4.91
N CYS B 98 12.93 23.04 -3.75
CA CYS B 98 12.21 23.30 -2.51
C CYS B 98 11.30 24.52 -2.62
N GLN B 99 10.04 24.40 -2.20
CA GLN B 99 9.12 25.53 -2.25
C GLN B 99 9.59 26.64 -1.33
N GLU B 100 10.14 26.24 -0.19
CA GLU B 100 10.54 27.19 0.82
C GLU B 100 11.81 27.93 0.45
N THR B 101 12.83 27.20 0.00
CA THR B 101 14.16 27.75 -0.21
C THR B 101 14.69 27.67 -1.63
N GLY B 102 14.01 26.92 -2.50
CA GLY B 102 14.46 26.76 -3.87
C GLY B 102 15.72 25.92 -4.02
N GLU B 103 16.20 25.38 -2.90
CA GLU B 103 17.32 24.46 -2.89
C GLU B 103 16.86 23.15 -3.53
N PRO B 104 17.82 22.29 -3.93
CA PRO B 104 17.40 21.04 -4.55
C PRO B 104 16.90 20.04 -3.51
N ILE B 105 15.67 19.58 -3.68
CA ILE B 105 15.17 18.44 -2.93
C ILE B 105 16.07 17.27 -3.31
N GLY B 106 16.31 16.36 -2.38
CA GLY B 106 17.12 15.17 -2.71
C GLY B 106 16.68 14.44 -3.97
N LEU B 107 17.64 14.02 -4.79
CA LEU B 107 17.32 13.12 -5.89
C LEU B 107 16.86 11.79 -5.30
N ARG B 108 17.49 11.39 -4.20
CA ARG B 108 17.03 10.22 -3.45
C ARG B 108 15.73 10.51 -2.71
N ARG B 109 15.55 11.75 -2.26
CA ARG B 109 14.37 12.14 -1.51
C ARG B 109 13.10 11.99 -2.33
N LEU B 110 13.19 12.45 -3.58
CA LEU B 110 12.07 12.34 -4.49
C LEU B 110 11.82 10.88 -4.78
N LEU B 111 12.87 10.13 -5.11
CA LEU B 111 12.68 8.72 -5.46
C LEU B 111 11.77 8.00 -4.47
N LEU B 112 11.98 8.23 -3.19
CA LEU B 112 11.15 7.65 -2.14
C LEU B 112 9.78 8.32 -2.07
N ARG B 113 9.71 9.59 -2.39
CA ARG B 113 8.42 10.28 -2.41
C ARG B 113 8.45 11.43 -3.41
N PRO B 114 8.17 11.10 -4.68
CA PRO B 114 8.34 12.04 -5.79
C PRO B 114 7.43 13.23 -5.62
N THR B 115 6.51 13.10 -4.69
CA THR B 115 5.49 14.09 -4.46
C THR B 115 5.90 15.09 -3.36
N ALA B 116 7.02 14.80 -2.69
CA ALA B 116 7.55 15.64 -1.61
C ALA B 116 8.02 17.00 -2.11
N THR B 117 7.66 18.07 -1.38
CA THR B 117 7.86 19.44 -1.88
C THR B 117 8.88 20.34 -1.14
N LEU B 118 9.37 19.88 0.02
CA LEU B 118 10.47 20.56 0.70
C LEU B 118 11.72 19.70 0.68
N CYS B 119 12.89 20.30 0.85
CA CYS B 119 14.11 19.53 1.01
C CYS B 119 14.36 19.19 2.48
N ILE B 120 15.27 18.25 2.74
CA ILE B 120 15.51 17.79 4.12
C ILE B 120 15.79 18.98 5.02
N GLU B 121 16.77 19.77 4.61
CA GLU B 121 17.21 20.92 5.38
C GLU B 121 16.00 21.77 5.81
N ALA B 122 15.03 21.92 4.90
CA ALA B 122 13.87 22.79 5.13
C ALA B 122 12.75 22.13 5.92
N LYS B 123 12.44 20.87 5.58
CA LYS B 123 11.37 20.13 6.23
C LYS B 123 11.61 19.92 7.73
N GLU B 124 12.88 19.78 8.11
CA GLU B 124 13.25 19.57 9.49
C GLU B 124 13.15 20.85 10.29
N ARG B 125 13.42 21.98 9.62
CA ARG B 125 13.29 23.30 10.22
C ARG B 125 11.82 23.56 10.56
N GLN B 126 10.93 23.02 9.73
CA GLN B 126 9.49 23.13 9.93
C GLN B 126 8.99 22.13 10.98
N GLU B 127 9.49 20.90 10.93
CA GLU B 127 9.16 19.88 11.94
C GLU B 127 9.63 20.32 13.32
N LYS B 128 10.79 20.96 13.38
CA LYS B 128 11.35 21.48 14.61
C LYS B 128 10.54 22.70 15.09
N ARG B 129 9.52 23.06 14.31
CA ARG B 129 8.62 24.15 14.65
C ARG B 129 7.20 23.59 14.79
N GLU B 130 7.05 22.32 14.43
CA GLU B 130 5.78 21.59 14.55
C GLU B 130 5.60 21.02 15.97
N ARG B 131 6.67 20.43 16.49
CA ARG B 131 6.70 19.77 17.81
C ARG B 131 5.92 20.47 18.92
N HIS B 132 5.85 21.79 18.86
CA HIS B 132 5.17 22.57 19.89
C HIS B 132 4.38 23.75 19.30
N ALA C 4 17.34 -13.11 -10.39
CA ALA C 4 16.89 -12.37 -9.18
C ALA C 4 17.71 -12.74 -7.94
N GLU C 5 17.64 -11.90 -6.90
CA GLU C 5 18.36 -12.14 -5.64
C GLU C 5 17.56 -13.11 -4.79
N GLN C 6 16.23 -12.99 -4.83
CA GLN C 6 15.34 -13.89 -4.10
C GLN C 6 15.58 -15.34 -4.48
N GLU C 7 15.87 -15.58 -5.76
CA GLU C 7 16.17 -16.91 -6.22
C GLU C 7 17.46 -17.42 -5.57
N LEU C 8 18.54 -16.67 -5.74
CA LEU C 8 19.83 -17.01 -5.12
C LEU C 8 19.62 -17.30 -3.64
N LEU C 9 18.71 -16.55 -3.02
CA LEU C 9 18.41 -16.70 -1.61
C LEU C 9 17.55 -17.93 -1.35
N ALA C 10 16.48 -18.10 -2.11
CA ALA C 10 15.58 -19.24 -1.91
C ALA C 10 16.11 -20.50 -2.60
N GLN C 11 17.42 -20.71 -2.50
CA GLN C 11 18.05 -21.85 -3.17
C GLN C 11 18.91 -22.76 -2.27
N PRO C 12 19.73 -22.19 -1.35
CA PRO C 12 20.53 -23.05 -0.48
C PRO C 12 19.69 -23.81 0.56
N ASP C 13 20.20 -24.93 1.04
CA ASP C 13 19.39 -25.93 1.75
C ASP C 13 19.30 -25.71 3.26
N ALA C 14 20.46 -25.53 3.86
CA ALA C 14 20.61 -25.45 5.31
C ALA C 14 21.65 -24.40 5.64
N ALA C 15 21.85 -23.47 4.71
CA ALA C 15 22.67 -22.29 4.95
C ALA C 15 21.83 -21.30 5.75
N TYR C 16 20.63 -21.73 6.10
CA TYR C 16 19.60 -20.90 6.72
C TYR C 16 20.13 -19.94 7.78
N MET C 17 19.68 -18.69 7.68
CA MET C 17 20.05 -17.60 8.57
C MET C 17 21.54 -17.45 8.85
N ASP C 18 22.36 -17.82 7.88
CA ASP C 18 23.79 -17.54 7.97
C ASP C 18 24.02 -16.08 7.62
N GLU C 19 25.25 -15.61 7.83
CA GLU C 19 25.61 -14.22 7.60
C GLU C 19 25.04 -13.63 6.32
N ALA C 20 25.33 -14.26 5.18
CA ALA C 20 24.87 -13.78 3.88
C ALA C 20 23.34 -13.62 3.85
N GLN C 21 22.64 -14.61 4.39
CA GLN C 21 21.18 -14.57 4.45
C GLN C 21 20.67 -13.41 5.30
N GLN C 22 21.37 -13.14 6.40
CA GLN C 22 21.05 -12.01 7.27
C GLN C 22 21.31 -10.69 6.56
N ASP C 23 22.45 -10.62 5.87
CA ASP C 23 22.78 -9.44 5.06
C ASP C 23 21.62 -9.09 4.14
N PHE C 24 21.05 -10.09 3.47
CA PHE C 24 19.88 -9.94 2.63
C PHE C 24 18.74 -9.25 3.37
N PHE C 25 18.32 -9.84 4.48
CA PHE C 25 17.15 -9.37 5.21
C PHE C 25 17.34 -8.01 5.86
N ARG C 26 18.55 -7.78 6.37
CA ARG C 26 18.89 -6.49 6.96
C ARG C 26 18.71 -5.36 5.94
N ASP C 27 19.12 -5.62 4.70
CA ASP C 27 19.02 -4.64 3.62
C ASP C 27 17.58 -4.43 3.19
N LEU C 28 16.81 -5.52 3.19
CA LEU C 28 15.39 -5.45 2.83
C LEU C 28 14.68 -4.57 3.83
N LEU C 29 14.91 -4.83 5.11
CA LEU C 29 14.24 -4.12 6.18
C LEU C 29 14.67 -2.67 6.25
N LEU C 30 15.93 -2.41 5.92
CA LEU C 30 16.42 -1.04 5.85
C LEU C 30 15.71 -0.27 4.75
N ARG C 31 15.55 -0.88 3.58
CA ARG C 31 14.77 -0.29 2.50
C ARG C 31 13.36 -0.06 3.00
N GLN C 32 12.64 -1.15 3.27
CA GLN C 32 11.30 -1.05 3.82
C GLN C 32 11.17 0.13 4.77
N ARG C 33 12.08 0.18 5.76
CA ARG C 33 12.11 1.25 6.76
C ARG C 33 12.12 2.65 6.14
N GLN C 34 13.07 2.89 5.23
CA GLN C 34 13.16 4.18 4.55
C GLN C 34 11.89 4.52 3.81
N GLU C 35 11.31 3.51 3.17
CA GLU C 35 10.07 3.65 2.42
C GLU C 35 8.94 4.01 3.37
N LEU C 36 8.94 3.37 4.52
CA LEU C 36 7.91 3.57 5.53
C LEU C 36 8.11 4.91 6.20
N GLN C 37 9.36 5.22 6.54
CA GLN C 37 9.69 6.48 7.17
C GLN C 37 9.27 7.66 6.30
N ALA C 38 9.54 7.57 5.00
CA ALA C 38 9.19 8.61 4.05
C ALA C 38 7.68 8.69 3.81
N ARG C 39 6.97 7.58 4.00
CA ARG C 39 5.52 7.53 3.82
C ARG C 39 4.85 8.32 4.91
N ILE C 40 5.38 8.18 6.13
CA ILE C 40 4.87 8.86 7.30
C ILE C 40 5.06 10.36 7.13
N GLU C 41 6.25 10.75 6.70
CA GLU C 41 6.54 12.15 6.39
C GLU C 41 5.49 12.68 5.42
N GLY C 42 4.96 11.79 4.59
CA GLY C 42 3.86 12.14 3.68
C GLY C 42 2.49 12.09 4.35
N GLU C 43 2.35 11.23 5.35
CA GLU C 43 1.09 11.13 6.08
C GLU C 43 0.88 12.35 6.95
N PHE C 44 1.95 12.84 7.57
CA PHE C 44 1.89 14.04 8.39
C PHE C 44 1.57 15.28 7.56
N GLY C 45 2.09 15.34 6.34
CA GLY C 45 1.84 16.45 5.44
C GLY C 45 0.36 16.55 5.11
N GLU C 46 -0.27 15.40 4.93
CA GLU C 46 -1.70 15.32 4.67
C GLU C 46 -2.43 15.86 5.88
N LEU C 47 -1.94 15.48 7.07
CA LEU C 47 -2.52 15.93 8.33
C LEU C 47 -2.27 17.42 8.57
N ARG C 48 -1.04 17.87 8.31
CA ARG C 48 -0.71 19.30 8.34
C ARG C 48 -1.72 20.08 7.52
N ASP C 49 -2.13 19.50 6.40
CA ASP C 49 -3.04 20.12 5.47
C ASP C 49 -4.47 20.21 6.03
N LEU C 50 -4.86 19.23 6.81
CA LEU C 50 -6.21 19.18 7.39
C LEU C 50 -6.41 20.18 8.52
N GLU C 51 -5.31 20.63 9.11
CA GLU C 51 -5.35 21.56 10.23
C GLU C 51 -4.95 22.97 9.79
N ARG C 52 -4.57 23.11 8.51
CA ARG C 52 -4.21 24.39 7.92
C ARG C 52 -5.21 25.48 8.33
N PRO C 53 -4.70 26.69 8.64
CA PRO C 53 -5.54 27.81 9.06
C PRO C 53 -6.93 27.73 8.43
N SER C 54 -7.94 27.46 9.27
CA SER C 54 -9.27 27.15 8.76
C SER C 54 -10.39 28.08 9.23
N ASP C 55 -11.29 28.39 8.30
CA ASP C 55 -12.54 29.09 8.58
C ASP C 55 -13.55 28.11 9.17
N GLU C 56 -14.71 28.61 9.59
CA GLU C 56 -15.77 27.76 10.11
C GLU C 56 -16.48 26.99 8.99
N ALA C 57 -16.64 27.64 7.83
CA ALA C 57 -17.44 27.12 6.69
C ALA C 57 -17.16 25.67 6.27
N ASP C 58 -16.00 25.42 5.68
CA ASP C 58 -15.64 24.07 5.22
C ASP C 58 -15.33 23.13 6.38
N LEU C 59 -15.13 23.69 7.58
CA LEU C 59 -14.84 22.91 8.78
C LEU C 59 -16.08 22.16 9.31
N ALA C 60 -16.17 20.89 8.94
CA ALA C 60 -17.28 20.04 9.37
C ALA C 60 -16.76 18.67 9.80
N SER C 61 -16.72 17.73 8.86
CA SER C 61 -16.22 16.38 9.12
C SER C 61 -14.70 16.32 9.03
N ARG C 62 -14.06 17.48 8.89
CA ARG C 62 -12.61 17.54 8.83
C ARG C 62 -12.02 17.21 10.19
N GLU C 63 -12.42 17.99 11.21
CA GLU C 63 -12.09 17.68 12.61
C GLU C 63 -12.58 16.28 13.00
N GLU C 64 -13.01 15.51 11.99
CA GLU C 64 -13.58 14.19 12.19
C GLU C 64 -12.91 13.13 11.29
N GLN C 65 -12.41 13.55 10.12
CA GLN C 65 -11.65 12.65 9.26
C GLN C 65 -10.15 12.81 9.54
N ARG C 66 -9.83 13.83 10.32
CA ARG C 66 -8.53 13.95 10.94
C ARG C 66 -8.31 12.73 11.83
N GLN C 67 -9.38 12.28 12.49
CA GLN C 67 -9.31 11.06 13.28
C GLN C 67 -8.81 9.88 12.46
N TRP C 68 -9.44 9.66 11.30
CA TRP C 68 -9.05 8.58 10.41
C TRP C 68 -7.55 8.62 10.15
N GLN C 69 -7.06 9.79 9.75
CA GLN C 69 -5.62 10.01 9.60
C GLN C 69 -4.88 9.62 10.86
N LEU C 70 -5.16 10.32 11.95
CA LEU C 70 -4.58 10.03 13.25
C LEU C 70 -4.52 8.53 13.54
N ARG C 71 -5.61 7.83 13.26
CA ARG C 71 -5.66 6.38 13.45
C ARG C 71 -4.65 5.68 12.56
N LEU C 72 -4.69 6.01 11.26
CA LEU C 72 -3.74 5.47 10.30
C LEU C 72 -2.34 5.74 10.78
N LEU C 73 -2.06 7.02 11.04
CA LEU C 73 -0.74 7.49 11.41
C LEU C 73 -0.22 6.82 12.68
N GLU C 74 -1.16 6.43 13.56
CA GLU C 74 -0.81 5.62 14.73
C GLU C 74 -0.34 4.24 14.26
N ARG C 75 -1.20 3.51 13.55
CA ARG C 75 -0.84 2.21 13.00
C ARG C 75 0.50 2.28 12.28
N GLU C 76 0.55 3.14 11.26
CA GLU C 76 1.69 3.30 10.37
C GLU C 76 3.00 3.53 11.13
N LYS C 77 2.97 4.38 12.16
CA LYS C 77 4.18 4.63 12.95
C LYS C 77 4.52 3.49 13.89
N LYS C 78 3.51 2.72 14.28
CA LYS C 78 3.69 1.58 15.18
C LYS C 78 4.27 0.41 14.40
N LEU C 79 3.89 0.33 13.13
CA LEU C 79 4.43 -0.67 12.21
C LEU C 79 5.92 -0.46 12.05
N LEU C 80 6.33 0.81 12.13
CA LEU C 80 7.74 1.20 12.06
C LEU C 80 8.53 0.60 13.22
N ASP C 81 7.95 0.69 14.41
CA ASP C 81 8.57 0.14 15.61
C ASP C 81 8.93 -1.33 15.43
N LYS C 82 7.99 -2.11 14.90
CA LYS C 82 8.22 -3.53 14.66
C LYS C 82 9.37 -3.79 13.67
N ILE C 83 9.59 -2.86 12.75
CA ILE C 83 10.72 -2.97 11.80
C ILE C 83 12.04 -2.72 12.52
N ASP C 84 12.05 -1.78 13.45
CA ASP C 84 13.20 -1.54 14.30
C ASP C 84 13.40 -2.71 15.25
N GLU C 85 12.29 -3.27 15.73
CA GLU C 85 12.33 -4.51 16.51
C GLU C 85 13.07 -5.58 15.73
N ALA C 86 12.68 -5.76 14.46
CA ALA C 86 13.30 -6.76 13.61
C ALA C 86 14.79 -6.48 13.35
N LEU C 87 15.14 -5.20 13.23
CA LEU C 87 16.53 -4.80 13.04
C LEU C 87 17.37 -5.04 14.29
N GLU C 88 16.73 -4.87 15.45
CA GLU C 88 17.34 -5.21 16.73
C GLU C 88 17.62 -6.70 16.76
N ARG C 89 16.63 -7.49 16.36
CA ARG C 89 16.73 -8.96 16.31
C ARG C 89 17.88 -9.42 15.41
N LEU C 90 18.12 -8.68 14.34
CA LEU C 90 19.21 -8.98 13.41
C LEU C 90 20.59 -8.79 14.01
N ALA C 91 20.86 -7.57 14.48
CA ALA C 91 22.17 -7.20 15.02
C ALA C 91 22.52 -7.97 16.31
N ARG C 92 21.48 -8.45 17.00
CA ARG C 92 21.66 -9.26 18.21
C ARG C 92 21.81 -10.75 17.90
N GLY C 93 21.60 -11.12 16.63
CA GLY C 93 21.68 -12.51 16.20
C GLY C 93 20.50 -13.34 16.64
N ASP C 94 19.33 -12.71 16.67
CA ASP C 94 18.09 -13.36 17.11
C ASP C 94 17.15 -13.60 15.95
N TYR C 95 17.34 -12.84 14.87
CA TYR C 95 16.43 -12.84 13.72
C TYR C 95 16.32 -14.21 13.05
N GLY C 96 15.12 -14.52 12.56
CA GLY C 96 14.91 -15.70 11.74
C GLY C 96 14.20 -16.85 12.40
N TRP C 97 14.37 -16.97 13.72
CA TRP C 97 13.77 -18.07 14.48
C TRP C 97 12.60 -17.62 15.35
N CYS C 98 11.66 -18.53 15.54
CA CYS C 98 10.46 -18.28 16.33
C CYS C 98 10.75 -18.01 17.80
N GLN C 99 9.89 -17.22 18.45
CA GLN C 99 10.13 -16.71 19.81
C GLN C 99 10.15 -17.77 20.92
N GLU C 100 9.30 -18.79 20.80
CA GLU C 100 9.21 -19.84 21.83
C GLU C 100 10.06 -21.06 21.46
N THR C 101 9.82 -21.60 20.27
CA THR C 101 10.57 -22.74 19.76
C THR C 101 11.69 -22.26 18.86
N GLY C 102 12.86 -22.90 18.99
CA GLY C 102 14.02 -22.60 18.15
C GLY C 102 13.75 -22.95 16.69
N GLU C 103 12.49 -23.29 16.40
CA GLU C 103 12.04 -23.62 15.05
C GLU C 103 12.27 -22.44 14.11
N PRO C 104 12.91 -22.70 12.95
CA PRO C 104 13.06 -21.68 11.93
C PRO C 104 11.70 -21.25 11.36
N ILE C 105 11.56 -19.96 11.09
CA ILE C 105 10.43 -19.45 10.34
C ILE C 105 10.71 -19.66 8.84
N GLY C 106 9.71 -20.11 8.11
CA GLY C 106 9.83 -20.33 6.66
C GLY C 106 10.62 -19.21 6.00
N LEU C 107 11.64 -19.58 5.23
CA LEU C 107 12.48 -18.60 4.56
C LEU C 107 11.66 -17.72 3.61
N ARG C 108 10.71 -18.31 2.91
CA ARG C 108 9.86 -17.56 1.99
C ARG C 108 8.60 -17.00 2.67
N ARG C 109 8.42 -17.32 3.94
CA ARG C 109 7.37 -16.67 4.74
C ARG C 109 7.94 -15.39 5.33
N LEU C 110 9.22 -15.43 5.67
CA LEU C 110 9.95 -14.23 6.05
C LEU C 110 9.95 -13.23 4.92
N LEU C 111 10.17 -13.71 3.69
CA LEU C 111 10.14 -12.85 2.51
C LEU C 111 8.84 -12.05 2.39
N LEU C 112 7.71 -12.70 2.68
CA LEU C 112 6.40 -12.06 2.55
C LEU C 112 6.08 -11.09 3.68
N ARG C 113 6.42 -11.45 4.91
CA ARG C 113 6.36 -10.50 6.02
C ARG C 113 7.61 -10.58 6.87
N PRO C 114 8.69 -9.89 6.43
CA PRO C 114 10.03 -10.01 7.02
C PRO C 114 10.09 -9.60 8.48
N THR C 115 8.97 -9.11 8.98
CA THR C 115 8.85 -8.60 10.33
C THR C 115 8.14 -9.60 11.25
N ALA C 116 7.85 -10.79 10.73
CA ALA C 116 7.18 -11.85 11.50
C ALA C 116 7.98 -12.26 12.74
N THR C 117 7.27 -12.55 13.82
CA THR C 117 7.89 -12.92 15.08
C THR C 117 7.57 -14.37 15.44
N LEU C 118 6.37 -14.81 15.05
CA LEU C 118 5.91 -16.16 15.28
C LEU C 118 5.90 -16.94 13.96
N CYS C 119 5.79 -18.27 14.03
CA CYS C 119 5.76 -19.09 12.82
C CYS C 119 4.45 -19.86 12.65
N ILE C 120 4.42 -20.76 11.66
CA ILE C 120 3.24 -21.54 11.29
C ILE C 120 2.62 -22.28 12.47
N GLU C 121 3.42 -23.10 13.16
CA GLU C 121 2.98 -23.83 14.34
C GLU C 121 2.47 -22.91 15.45
N ALA C 122 3.22 -21.85 15.72
CA ALA C 122 2.86 -20.89 16.77
C ALA C 122 1.57 -20.12 16.45
N LYS C 123 1.53 -19.53 15.26
CA LYS C 123 0.40 -18.71 14.80
C LYS C 123 -0.94 -19.48 14.77
N GLU C 124 -0.88 -20.79 14.55
CA GLU C 124 -2.05 -21.65 14.64
C GLU C 124 -2.59 -21.75 16.06
N ARG C 125 -1.75 -22.25 16.97
CA ARG C 125 -2.16 -22.51 18.35
C ARG C 125 -2.22 -21.22 19.21
N GLN C 126 -1.79 -20.11 18.63
CA GLN C 126 -1.98 -18.80 19.23
C GLN C 126 -3.42 -18.32 19.00
N GLU C 127 -3.92 -18.57 17.78
CA GLU C 127 -5.28 -18.19 17.40
C GLU C 127 -6.31 -19.23 17.81
N LYS C 128 -5.86 -20.46 18.03
CA LYS C 128 -6.71 -21.54 18.55
C LYS C 128 -7.12 -21.23 19.99
N ARG C 129 -6.34 -20.36 20.65
CA ARG C 129 -6.68 -19.87 21.99
C ARG C 129 -7.36 -18.48 21.93
N GLU C 130 -7.46 -17.91 20.73
CA GLU C 130 -8.16 -16.66 20.52
C GLU C 130 -9.62 -16.86 20.10
N ARG C 131 -9.90 -18.01 19.49
CA ARG C 131 -11.26 -18.38 19.07
C ARG C 131 -12.22 -18.54 20.26
N HIS C 132 -11.70 -19.11 21.36
CA HIS C 132 -12.48 -19.30 22.59
C HIS C 132 -12.48 -18.06 23.47
#